data_6ML3
#
_entry.id   6ML3
#
_cell.length_a   46.297
_cell.length_b   68.757
_cell.length_c   50.010
_cell.angle_alpha   90.00
_cell.angle_beta   93.23
_cell.angle_gamma   90.00
#
_symmetry.space_group_name_H-M   'P 1 21 1'
#
loop_
_entity.id
_entity.type
_entity.pdbx_description
1 polymer 'Zinc finger and BTB domain-containing protein 24'
2 polymer "DNA (5'-D(*AP*CP*GP*CP*AP*GP*GP*TP*CP*CP*TP*GP*GP*AP*AP*GP*CP*TP*AP*A)-3')"
3 polymer "DNA (5'-D(*TP*TP*TP*AP*GP*CP*TP*TP*CP*CP*AP*GP*GP*AP*CP*CP*TP*GP*CP*G)-3')"
4 non-polymer 'ZINC ION'
5 non-polymer 1,2-ETHANEDIOL
6 water water
#
loop_
_entity_poly.entity_id
_entity_poly.type
_entity_poly.pdbx_seq_one_letter_code
_entity_poly.pdbx_strand_id
1 'polypeptide(L)'
;GPLGSKSFTCDQCGKYFSQKRQLKSHYRVHTGHSLPECSHCHRKFMDVSQLKKHLRTHTGEKPFTCEICGKSFTAKSSLQ
THIRIHRGEKPYSCSICGKCFSDSSAKRRHCILHTGKKPFSCPECGLQFARLDNLKAHLKIHSKEKHTADY
;
A
2 'polydeoxyribonucleotide' (DA)(DC)(DG)(DC)(DA)(DG)(DG)(DT)(DC)(DC)(DT)(DG)(DG)(DA)(DA)(DG)(DC)(DT)(DA)(DA) E
3 'polydeoxyribonucleotide' (DT)(DT)(DT)(DA)(DG)(DC)(DT)(DT)(DC)(DC)(DA)(DG)(DG)(DA)(DC)(DC)(DT)(DG)(DC)(DG) F
#
# COMPACT_ATOMS: atom_id res chain seq x y z
N SER A 34 -14.83 -3.18 24.68
CA SER A 34 -15.79 -4.00 23.96
C SER A 34 -16.02 -3.46 22.54
N LEU A 35 -14.92 -3.33 21.80
CA LEU A 35 -15.01 -2.88 20.42
C LEU A 35 -15.65 -3.97 19.56
N PRO A 36 -16.29 -3.59 18.45
CA PRO A 36 -16.89 -4.61 17.55
C PRO A 36 -15.85 -5.61 17.08
N GLU A 37 -16.13 -6.90 17.31
CA GLU A 37 -15.20 -7.97 17.05
C GLU A 37 -15.69 -8.82 15.88
N CYS A 38 -14.78 -9.15 14.97
CA CYS A 38 -15.12 -9.97 13.83
C CYS A 38 -15.31 -11.43 14.26
N SER A 39 -16.33 -12.08 13.72
CA SER A 39 -16.62 -13.45 14.10
C SER A 39 -15.63 -14.45 13.51
N HIS A 40 -15.01 -14.10 12.38
CA HIS A 40 -14.11 -15.03 11.71
C HIS A 40 -12.70 -14.98 12.32
N CYS A 41 -12.08 -13.79 12.32
CA CYS A 41 -10.69 -13.63 12.74
C CYS A 41 -10.54 -13.06 14.13
N HIS A 42 -11.62 -12.64 14.77
CA HIS A 42 -11.66 -12.19 16.17
C HIS A 42 -10.92 -10.89 16.41
N ARG A 43 -10.55 -10.15 15.37
CA ARG A 43 -9.94 -8.85 15.55
C ARG A 43 -11.03 -7.79 15.71
N LYS A 44 -10.69 -6.71 16.40
CA LYS A 44 -11.65 -5.68 16.77
C LYS A 44 -11.38 -4.39 16.01
N PHE A 45 -12.43 -3.58 15.88
CA PHE A 45 -12.38 -2.37 15.07
C PHE A 45 -13.10 -1.24 15.80
N MET A 46 -12.92 -0.02 15.27
CA MET A 46 -13.36 1.17 15.97
C MET A 46 -14.88 1.20 16.14
N ASP A 47 -15.62 0.93 15.06
CA ASP A 47 -17.06 0.89 15.11
C ASP A 47 -17.56 -0.22 14.21
N VAL A 48 -18.89 -0.41 14.18
CA VAL A 48 -19.47 -1.52 13.44
C VAL A 48 -19.35 -1.30 11.93
N SER A 49 -19.26 -0.05 11.49
CA SER A 49 -19.09 0.20 10.06
C SER A 49 -17.69 -0.15 9.58
N GLN A 50 -16.67 0.03 10.43
CA GLN A 50 -15.33 -0.39 10.07
C GLN A 50 -15.21 -1.91 10.07
N LEU A 51 -15.98 -2.59 10.92
CA LEU A 51 -16.02 -4.04 10.88
C LEU A 51 -16.69 -4.54 9.60
N LYS A 52 -17.81 -3.91 9.21
CA LYS A 52 -18.49 -4.31 7.99
C LYS A 52 -17.58 -4.15 6.78
N LYS A 53 -16.76 -3.10 6.75
CA LYS A 53 -15.80 -2.94 5.67
C LYS A 53 -14.74 -4.06 5.73
N HIS A 54 -14.33 -4.45 6.93
CA HIS A 54 -13.35 -5.51 7.08
C HIS A 54 -13.91 -6.87 6.69
N LEU A 55 -15.23 -7.04 6.74
CA LEU A 55 -15.83 -8.32 6.37
C LEU A 55 -15.46 -8.74 4.96
N ARG A 56 -15.22 -7.76 4.07
CA ARG A 56 -14.92 -8.06 2.68
C ARG A 56 -13.55 -8.69 2.49
N THR A 57 -12.62 -8.50 3.43
CA THR A 57 -11.32 -9.14 3.32
C THR A 57 -11.41 -10.66 3.44
N HIS A 58 -12.46 -11.17 4.09
CA HIS A 58 -12.68 -12.60 4.19
C HIS A 58 -13.54 -13.17 3.08
N THR A 59 -14.31 -12.31 2.40
CA THR A 59 -15.21 -12.76 1.35
C THR A 59 -14.69 -12.50 -0.05
N GLY A 60 -13.82 -11.50 -0.22
CA GLY A 60 -13.34 -11.14 -1.53
C GLY A 60 -14.25 -10.23 -2.33
N GLU A 61 -15.27 -9.66 -1.69
CA GLU A 61 -16.18 -8.76 -2.39
C GLU A 61 -15.50 -7.44 -2.70
N LYS A 62 -15.70 -6.96 -3.93
CA LYS A 62 -15.12 -5.69 -4.38
C LYS A 62 -16.25 -4.88 -5.00
N PRO A 63 -16.96 -4.08 -4.19
CA PRO A 63 -18.19 -3.42 -4.65
C PRO A 63 -17.98 -2.06 -5.31
N PHE A 64 -16.76 -1.65 -5.60
CA PHE A 64 -16.49 -0.36 -6.24
C PHE A 64 -15.80 -0.64 -7.57
N THR A 65 -16.57 -0.57 -8.66
CA THR A 65 -16.11 -0.92 -9.99
C THR A 65 -15.72 0.32 -10.77
N CYS A 66 -14.59 0.25 -11.46
CA CYS A 66 -14.19 1.33 -12.36
C CYS A 66 -15.04 1.30 -13.62
N GLU A 67 -15.67 2.44 -13.92
CA GLU A 67 -16.53 2.53 -15.10
C GLU A 67 -15.74 2.46 -16.40
N ILE A 68 -14.45 2.81 -16.37
CA ILE A 68 -13.67 2.87 -17.60
C ILE A 68 -13.19 1.48 -18.01
N CYS A 69 -12.49 0.79 -17.11
CA CYS A 69 -11.86 -0.48 -17.43
C CYS A 69 -12.57 -1.71 -16.89
N GLY A 70 -13.44 -1.55 -15.89
CA GLY A 70 -14.18 -2.67 -15.36
C GLY A 70 -13.59 -3.34 -14.15
N LYS A 71 -12.37 -2.96 -13.74
CA LYS A 71 -11.78 -3.52 -12.54
C LYS A 71 -12.54 -3.06 -11.31
N SER A 72 -12.58 -3.92 -10.30
CA SER A 72 -13.31 -3.65 -9.07
C SER A 72 -12.33 -3.53 -7.90
N PHE A 73 -12.75 -2.80 -6.87
CA PHE A 73 -11.88 -2.49 -5.74
C PHE A 73 -12.66 -2.67 -4.44
N THR A 74 -11.91 -2.93 -3.36
CA THR A 74 -12.52 -3.17 -2.06
C THR A 74 -12.99 -1.90 -1.38
N ALA A 75 -12.44 -0.75 -1.75
CA ALA A 75 -12.79 0.52 -1.11
C ALA A 75 -12.96 1.60 -2.17
N LYS A 76 -13.80 2.59 -1.85
CA LYS A 76 -14.06 3.68 -2.79
C LYS A 76 -12.82 4.56 -2.97
N SER A 77 -12.06 4.79 -1.90
CA SER A 77 -10.87 5.62 -2.00
C SER A 77 -9.83 4.96 -2.90
N SER A 78 -9.79 3.63 -2.95
CA SER A 78 -8.90 2.95 -3.89
C SER A 78 -9.38 3.17 -5.32
N LEU A 79 -10.69 3.19 -5.54
CA LEU A 79 -11.22 3.44 -6.87
C LEU A 79 -10.92 4.86 -7.33
N GLN A 80 -11.05 5.84 -6.43
CA GLN A 80 -10.75 7.23 -6.78
C GLN A 80 -9.28 7.38 -7.13
N THR A 81 -8.39 6.71 -6.39
CA THR A 81 -6.98 6.74 -6.73
C THR A 81 -6.72 6.10 -8.09
N HIS A 82 -7.38 4.96 -8.36
CA HIS A 82 -7.18 4.27 -9.63
C HIS A 82 -7.69 5.09 -10.80
N ILE A 83 -8.77 5.84 -10.61
CA ILE A 83 -9.33 6.64 -11.71
C ILE A 83 -8.35 7.75 -12.12
N ARG A 84 -7.59 8.28 -11.17
CA ARG A 84 -6.60 9.29 -11.49
C ARG A 84 -5.52 8.77 -12.44
N ILE A 85 -5.30 7.45 -12.47
CA ILE A 85 -4.37 6.89 -13.43
C ILE A 85 -4.92 6.99 -14.84
N HIS A 86 -6.24 6.75 -15.00
CA HIS A 86 -6.85 6.84 -16.32
C HIS A 86 -6.78 8.26 -16.87
N ARG A 87 -6.93 9.26 -16.01
CA ARG A 87 -7.02 10.65 -16.43
C ARG A 87 -5.68 11.37 -16.40
N GLY A 88 -4.61 10.70 -15.98
CA GLY A 88 -3.31 11.33 -15.92
C GLY A 88 -3.20 12.44 -14.90
N GLU A 89 -3.95 12.33 -13.80
CA GLU A 89 -3.95 13.35 -12.75
C GLU A 89 -2.92 12.98 -11.68
N LYS A 90 -1.91 13.82 -11.52
CA LYS A 90 -0.82 13.58 -10.56
C LYS A 90 -0.71 14.79 -9.64
N PRO A 91 -1.62 14.93 -8.67
CA PRO A 91 -1.57 16.10 -7.79
C PRO A 91 -0.52 16.02 -6.68
N TYR A 92 0.10 14.86 -6.48
CA TYR A 92 1.10 14.66 -5.43
C TYR A 92 2.49 14.83 -6.05
N SER A 93 3.20 15.88 -5.63
CA SER A 93 4.52 16.18 -6.14
C SER A 93 5.52 16.27 -5.00
N CYS A 94 6.75 15.85 -5.29
CA CYS A 94 7.83 15.96 -4.30
C CYS A 94 8.22 17.42 -4.13
N SER A 95 8.34 17.86 -2.87
CA SER A 95 8.76 19.23 -2.61
C SER A 95 10.25 19.43 -2.86
N ILE A 96 11.02 18.35 -2.94
CA ILE A 96 12.47 18.45 -3.09
C ILE A 96 12.88 18.44 -4.56
N CYS A 97 12.41 17.45 -5.32
CA CYS A 97 12.80 17.30 -6.71
C CYS A 97 11.68 17.56 -7.71
N GLY A 98 10.44 17.67 -7.25
CA GLY A 98 9.34 18.01 -8.13
C GLY A 98 8.70 16.86 -8.87
N LYS A 99 9.11 15.62 -8.59
CA LYS A 99 8.50 14.48 -9.25
C LYS A 99 7.04 14.33 -8.82
N CYS A 100 6.18 14.06 -9.80
CA CYS A 100 4.74 14.03 -9.58
C CYS A 100 4.23 12.59 -9.56
N PHE A 101 3.17 12.37 -8.77
CA PHE A 101 2.59 11.05 -8.59
C PHE A 101 1.08 11.15 -8.55
N SER A 102 0.41 10.16 -9.13
CA SER A 102 -1.04 10.02 -8.96
C SER A 102 -1.39 9.33 -7.65
N ASP A 103 -0.45 8.60 -7.06
CA ASP A 103 -0.67 7.85 -5.83
C ASP A 103 0.07 8.56 -4.70
N SER A 104 -0.66 8.85 -3.61
CA SER A 104 -0.07 9.59 -2.50
C SER A 104 0.96 8.77 -1.75
N SER A 105 0.79 7.44 -1.70
CA SER A 105 1.77 6.61 -1.01
C SER A 105 3.06 6.48 -1.81
N ALA A 106 2.96 6.51 -3.15
CA ALA A 106 4.17 6.49 -3.97
C ALA A 106 4.97 7.76 -3.80
N LYS A 107 4.28 8.90 -3.64
CA LYS A 107 4.97 10.16 -3.37
C LYS A 107 5.62 10.13 -1.98
N ARG A 108 4.89 9.65 -0.98
CA ARG A 108 5.44 9.53 0.36
C ARG A 108 6.65 8.60 0.39
N ARG A 109 6.58 7.50 -0.37
CA ARG A 109 7.69 6.57 -0.43
C ARG A 109 8.89 7.16 -1.15
N HIS A 110 8.66 8.01 -2.14
CA HIS A 110 9.76 8.60 -2.90
C HIS A 110 10.48 9.68 -2.09
N CYS A 111 9.73 10.52 -1.38
CA CYS A 111 10.34 11.65 -0.67
C CYS A 111 11.31 11.17 0.40
N ILE A 112 11.14 9.95 0.91
CA ILE A 112 12.04 9.41 1.92
C ILE A 112 13.44 9.22 1.34
N LEU A 113 13.53 8.96 0.03
CA LEU A 113 14.83 8.70 -0.59
C LEU A 113 15.76 9.90 -0.49
N HIS A 114 15.20 11.12 -0.38
CA HIS A 114 16.03 12.31 -0.26
C HIS A 114 16.71 12.42 1.09
N THR A 115 16.38 11.54 2.04
CA THR A 115 17.07 11.50 3.32
C THR A 115 18.25 10.54 3.31
N GLY A 116 18.23 9.53 2.44
CA GLY A 116 19.33 8.58 2.34
C GLY A 116 19.35 7.50 3.40
N LYS A 117 18.33 7.42 4.24
CA LYS A 117 18.33 6.43 5.31
C LYS A 117 18.10 5.03 4.75
N LYS A 118 18.81 4.05 5.33
CA LYS A 118 18.68 2.65 4.95
C LYS A 118 18.54 1.84 6.23
N PRO A 119 17.33 1.77 6.79
CA PRO A 119 17.15 1.16 8.11
C PRO A 119 17.03 -0.36 8.11
N PHE A 120 17.11 -1.02 6.96
CA PHE A 120 16.93 -2.46 6.86
C PHE A 120 18.24 -3.10 6.43
N SER A 121 18.81 -3.92 7.32
CA SER A 121 20.12 -4.51 7.13
C SER A 121 19.99 -6.02 7.02
N CYS A 122 20.68 -6.62 6.05
CA CYS A 122 20.60 -8.06 5.84
C CYS A 122 21.22 -8.79 7.02
N PRO A 123 20.51 -9.76 7.61
CA PRO A 123 21.08 -10.49 8.76
C PRO A 123 22.24 -11.39 8.38
N GLU A 124 22.39 -11.75 7.11
CA GLU A 124 23.43 -12.68 6.68
C GLU A 124 24.68 -12.00 6.16
N CYS A 125 24.54 -10.92 5.37
CA CYS A 125 25.68 -10.25 4.77
C CYS A 125 25.86 -8.80 5.19
N GLY A 126 24.82 -8.15 5.70
CA GLY A 126 24.93 -6.79 6.18
C GLY A 126 24.60 -5.71 5.17
N LEU A 127 24.15 -6.08 3.96
CA LEU A 127 23.75 -5.07 2.98
C LEU A 127 22.55 -4.30 3.49
N GLN A 128 22.63 -2.98 3.43
CA GLN A 128 21.57 -2.11 3.94
C GLN A 128 20.67 -1.65 2.80
N PHE A 129 19.36 -1.59 3.08
CA PHE A 129 18.37 -1.23 2.09
C PHE A 129 17.46 -0.13 2.64
N ALA A 130 17.03 0.76 1.75
CA ALA A 130 16.08 1.80 2.13
C ALA A 130 14.67 1.26 2.28
N ARG A 131 14.34 0.15 1.62
CA ARG A 131 13.00 -0.39 1.62
C ARG A 131 13.03 -1.87 1.99
N LEU A 132 12.01 -2.30 2.74
CA LEU A 132 11.93 -3.68 3.20
C LEU A 132 11.60 -4.64 2.06
N ASP A 133 10.92 -4.16 1.02
CA ASP A 133 10.63 -5.01 -0.13
C ASP A 133 11.91 -5.52 -0.77
N ASN A 134 12.94 -4.68 -0.86
CA ASN A 134 14.16 -5.05 -1.56
C ASN A 134 15.05 -5.95 -0.74
N LEU A 135 14.98 -5.88 0.59
CA LEU A 135 15.72 -6.84 1.42
C LEU A 135 15.04 -8.20 1.42
N LYS A 136 13.71 -8.21 1.39
CA LYS A 136 12.98 -9.47 1.19
C LYS A 136 13.44 -10.16 -0.08
N ALA A 137 13.56 -9.41 -1.18
CA ALA A 137 14.05 -9.98 -2.41
C ALA A 137 15.53 -10.37 -2.29
N HIS A 138 16.31 -9.57 -1.57
CA HIS A 138 17.74 -9.88 -1.39
C HIS A 138 17.96 -11.02 -0.40
N LEU A 139 16.95 -11.37 0.40
CA LEU A 139 17.12 -12.55 1.23
C LEU A 139 16.86 -13.84 0.44
N LYS A 140 16.20 -13.74 -0.70
CA LYS A 140 15.95 -14.90 -1.54
C LYS A 140 17.24 -15.40 -2.18
N ILE A 141 18.07 -14.50 -2.71
CA ILE A 141 19.35 -14.86 -3.28
C ILE A 141 20.25 -15.53 -2.23
N HIS A 142 20.07 -15.19 -0.95
CA HIS A 142 20.80 -15.89 0.10
C HIS A 142 20.22 -17.28 0.36
N SER A 143 18.89 -17.40 0.26
CA SER A 143 18.25 -18.71 0.47
C SER A 143 18.75 -19.72 -0.55
N LYS A 144 18.77 -19.35 -1.82
CA LYS A 144 19.28 -20.23 -2.85
C LYS A 144 20.80 -20.23 -2.93
N GLU A 145 21.46 -19.45 -2.07
CA GLU A 145 22.91 -19.48 -1.90
C GLU A 145 23.68 -19.28 -3.21
#